data_7ZHQ
#
_entry.id   7ZHQ
#
_cell.length_a   171.308
_cell.length_b   39.543
_cell.length_c   49.650
_cell.angle_alpha   90.000
_cell.angle_beta   103.230
_cell.angle_gamma   90.000
#
_symmetry.space_group_name_H-M   'C 1 2 1'
#
loop_
_entity.id
_entity.type
_entity.pdbx_description
1 polymer 'Tau-tubulin kinase 1'
2 non-polymer 'PHOSPHATE ION'
3 non-polymer 1,2-ETHANEDIOL
4 non-polymer (3~{S})-1-(4-azanyl-3,5,12-triazatetracyclo[9.7.0.0^{2,7}.0^{13,18}]octadeca-1(11),2,4,6,13(18),14,16-heptaen-16-yl)-3-methyl-pent-1-yn-3-ol
5 water water
#
_entity_poly.entity_id   1
_entity_poly.type   'polypeptide(L)'
_entity_poly.pdbx_seq_one_letter_code
;MNMSGGGEQADILPANYVVKDRWKVLKKIGGGGFGEIYEAMDLLTRENVALKVESAQQPKQVLKMEVAVLKKLQGKDHVC
RFIGCGRNEKFNYVVMQLQGRNLADLRRSQPRGTFTLSTTLRLGKQILESIEAIHSVGFLHRDIKPSNFAMGRLPSTYRK
CYMLDFGLARQYTNTTGDVRPPRNVAGFRGTVRYASVNAHKNREMGRHDDLWSLFYMLVEFAVGQLPWRKIKDKEQVGMI
KEKYEHRMLLKHMPSEFHLFLDHIASLDYFTKPDYQLIMSVFENSMKERGIAENEAFDWEKAGTDALLS
;
_entity_poly.pdbx_strand_id   A
#
# COMPACT_ATOMS: atom_id res chain seq x y z
N ALA A 10 2.01 16.37 23.30
CA ALA A 10 0.79 15.65 22.81
C ALA A 10 1.14 14.30 22.16
N ASP A 11 2.41 13.89 22.07
CA ASP A 11 2.76 12.51 21.61
C ASP A 11 2.25 11.50 22.66
N ILE A 12 1.68 10.37 22.21
CA ILE A 12 1.06 9.35 23.11
C ILE A 12 2.16 8.75 24.01
N LEU A 13 3.33 8.46 23.46
CA LEU A 13 4.47 7.87 24.23
C LEU A 13 5.66 8.81 24.17
N PRO A 14 6.28 9.10 25.33
CA PRO A 14 7.52 9.86 25.38
C PRO A 14 8.77 9.00 25.08
N ALA A 15 9.86 9.66 24.69
CA ALA A 15 11.14 8.99 24.40
C ALA A 15 11.52 8.20 25.64
N ASN A 16 11.97 6.96 25.46
CA ASN A 16 12.53 6.07 26.49
C ASN A 16 11.39 5.42 27.26
N TYR A 17 10.14 5.75 26.94
CA TYR A 17 8.99 5.05 27.52
C TYR A 17 9.12 3.58 27.18
N VAL A 18 8.88 2.70 28.15
CA VAL A 18 8.96 1.22 27.93
C VAL A 18 7.55 0.61 27.94
N VAL A 19 7.21 -0.13 26.88
CA VAL A 19 5.92 -0.86 26.74
C VAL A 19 6.14 -2.29 27.17
N LYS A 20 5.33 -2.75 28.14
CA LYS A 20 5.27 -4.15 28.61
C LYS A 20 6.69 -4.62 28.96
N ASP A 21 7.46 -3.73 29.61
CA ASP A 21 8.84 -4.02 30.08
C ASP A 21 9.69 -4.60 28.97
N ARG A 22 9.43 -4.24 27.69
CA ARG A 22 10.17 -4.90 26.58
C ARG A 22 10.49 -3.91 25.46
N TRP A 23 9.55 -3.06 25.03
CA TRP A 23 9.79 -2.22 23.83
C TRP A 23 10.02 -0.80 24.26
N LYS A 24 11.26 -0.33 24.09
CA LYS A 24 11.66 1.01 24.54
C LYS A 24 11.58 2.00 23.36
N VAL A 25 10.78 3.05 23.52
CA VAL A 25 10.61 4.12 22.49
C VAL A 25 11.93 4.83 22.24
N LEU A 26 12.36 4.86 20.99
CA LEU A 26 13.55 5.63 20.55
C LEU A 26 13.10 6.97 19.98
N LYS A 27 12.15 6.96 19.03
CA LYS A 27 11.65 8.19 18.40
C LYS A 27 10.33 7.92 17.70
N LYS A 28 9.55 8.95 17.47
CA LYS A 28 8.34 8.86 16.63
C LYS A 28 8.78 8.85 15.16
N ILE A 29 8.23 7.95 14.35
CA ILE A 29 8.59 7.87 12.90
C ILE A 29 7.35 8.11 12.04
N GLY A 30 6.16 8.26 12.61
CA GLY A 30 4.98 8.66 11.82
C GLY A 30 3.81 9.06 12.71
N GLY A 31 2.91 9.87 12.21
CA GLY A 31 1.76 10.33 12.99
C GLY A 31 0.62 10.73 12.09
N GLY A 32 -0.61 10.64 12.60
CA GLY A 32 -1.84 11.11 11.95
C GLY A 32 -2.89 11.41 12.98
N GLY A 33 -4.08 11.81 12.54
CA GLY A 33 -5.29 11.94 13.38
C GLY A 33 -5.53 10.73 14.27
N PHE A 34 -5.23 9.52 13.77
CA PHE A 34 -5.84 8.26 14.27
C PHE A 34 -4.80 7.41 15.03
N GLY A 35 -3.56 7.85 15.06
CA GLY A 35 -2.53 7.19 15.89
C GLY A 35 -1.12 7.61 15.53
N GLU A 36 -0.13 6.92 16.10
CA GLU A 36 1.30 7.26 15.98
C GLU A 36 2.13 6.00 15.86
N ILE A 37 3.29 6.12 15.22
CA ILE A 37 4.21 4.99 14.98
C ILE A 37 5.57 5.44 15.52
N TYR A 38 6.21 4.56 16.29
CA TYR A 38 7.50 4.79 16.97
C TYR A 38 8.48 3.71 16.51
N GLU A 39 9.75 4.08 16.36
CA GLU A 39 10.85 3.11 16.38
C GLU A 39 11.18 2.81 17.84
N ALA A 40 11.18 1.54 18.21
CA ALA A 40 11.48 1.09 19.58
C ALA A 40 12.61 0.05 19.53
N MET A 41 13.35 -0.07 20.63
CA MET A 41 14.25 -1.22 20.82
C MET A 41 13.48 -2.31 21.53
N ASP A 42 13.61 -3.53 21.01
CA ASP A 42 13.19 -4.77 21.66
C ASP A 42 14.28 -5.16 22.68
N LEU A 43 14.01 -5.00 23.97
CA LEU A 43 15.01 -5.27 25.01
C LEU A 43 15.22 -6.78 25.20
N LEU A 44 14.40 -7.61 24.57
CA LEU A 44 14.64 -9.09 24.59
C LEU A 44 15.54 -9.49 23.42
N THR A 45 15.10 -9.26 22.18
CA THR A 45 15.75 -9.81 20.97
C THR A 45 16.87 -8.87 20.50
N ARG A 46 16.83 -7.59 20.90
CA ARG A 46 17.87 -6.54 20.77
C ARG A 46 17.79 -5.88 19.39
N GLU A 47 16.83 -6.25 18.54
CA GLU A 47 16.59 -5.56 17.26
C GLU A 47 15.66 -4.37 17.54
N ASN A 48 15.59 -3.43 16.61
CA ASN A 48 14.59 -2.34 16.66
C ASN A 48 13.34 -2.84 15.92
N VAL A 49 12.20 -2.27 16.31
CA VAL A 49 10.85 -2.66 15.84
C VAL A 49 10.04 -1.38 15.62
N ALA A 50 8.90 -1.55 14.94
CA ALA A 50 7.86 -0.53 14.79
C ALA A 50 6.80 -0.74 15.84
N LEU A 51 6.50 0.30 16.58
CA LEU A 51 5.51 0.27 17.66
C LEU A 51 4.42 1.26 17.29
N LYS A 52 3.27 0.75 16.89
CA LYS A 52 2.11 1.54 16.44
C LYS A 52 1.06 1.63 17.56
N VAL A 53 0.65 2.85 17.91
CA VAL A 53 -0.20 3.09 19.10
C VAL A 53 -1.43 3.90 18.71
N GLU A 54 -2.50 3.69 19.48
CA GLU A 54 -3.81 4.38 19.31
C GLU A 54 -4.25 4.78 20.70
N SER A 55 -4.70 5.99 20.89
CA SER A 55 -5.20 6.45 22.20
C SER A 55 -6.40 5.59 22.60
N ALA A 56 -6.47 5.16 23.87
CA ALA A 56 -7.52 4.29 24.40
C ALA A 56 -8.87 5.00 24.28
N GLN A 57 -8.83 6.35 24.33
CA GLN A 57 -10.02 7.25 24.41
C GLN A 57 -10.46 7.71 23.02
N GLN A 58 -9.84 7.23 21.97
CA GLN A 58 -10.19 7.60 20.57
C GLN A 58 -11.55 7.01 20.18
N PRO A 59 -12.49 7.82 19.64
CA PRO A 59 -13.81 7.32 19.22
C PRO A 59 -13.72 6.18 18.18
N LYS A 60 -12.99 6.42 17.08
CA LYS A 60 -12.70 5.40 16.03
C LYS A 60 -11.57 4.50 16.51
N GLN A 61 -11.90 3.30 16.96
CA GLN A 61 -10.95 2.26 17.41
C GLN A 61 -10.64 1.38 16.20
N VAL A 62 -9.55 1.68 15.51
CA VAL A 62 -9.19 1.16 14.18
C VAL A 62 -8.05 0.12 14.35
N LEU A 63 -7.15 0.33 15.30
CA LEU A 63 -5.95 -0.52 15.43
C LEU A 63 -6.34 -2.01 15.62
N LYS A 64 -7.40 -2.34 16.36
CA LYS A 64 -7.81 -3.77 16.52
C LYS A 64 -8.10 -4.39 15.14
N MET A 65 -8.68 -3.65 14.20
CA MET A 65 -8.93 -4.20 12.84
C MET A 65 -7.59 -4.37 12.09
N GLU A 66 -6.68 -3.40 12.18
CA GLU A 66 -5.35 -3.44 11.54
C GLU A 66 -4.58 -4.67 12.01
N VAL A 67 -4.60 -4.94 13.33
CA VAL A 67 -3.93 -6.12 13.89
C VAL A 67 -4.61 -7.39 13.39
N ALA A 68 -5.94 -7.43 13.31
CA ALA A 68 -6.64 -8.67 12.86
C ALA A 68 -6.18 -8.96 11.42
N VAL A 69 -6.05 -7.93 10.59
CA VAL A 69 -5.62 -8.11 9.17
C VAL A 69 -4.15 -8.57 9.13
N LEU A 70 -3.28 -7.89 9.88
CA LEU A 70 -1.84 -8.26 9.95
C LEU A 70 -1.71 -9.72 10.35
N LYS A 71 -2.45 -10.16 11.36
CA LYS A 71 -2.37 -11.58 11.83
C LYS A 71 -2.86 -12.52 10.73
N LYS A 72 -3.92 -12.20 10.03
CA LYS A 72 -4.42 -13.11 8.94
C LYS A 72 -3.38 -13.26 7.84
N LEU A 73 -2.49 -12.28 7.67
CA LEU A 73 -1.52 -12.25 6.55
C LEU A 73 -0.19 -12.88 6.94
N GLN A 74 -0.02 -13.33 8.18
CA GLN A 74 1.29 -13.87 8.62
C GLN A 74 1.57 -15.09 7.75
N GLY A 75 2.82 -15.27 7.33
CA GLY A 75 3.22 -16.34 6.40
C GLY A 75 3.22 -15.88 4.95
N LYS A 76 2.44 -14.87 4.58
CA LYS A 76 2.57 -14.28 3.21
C LYS A 76 3.89 -13.49 3.11
N ASP A 77 4.46 -13.42 1.91
CA ASP A 77 5.55 -12.47 1.58
C ASP A 77 4.94 -11.04 1.46
N HIS A 78 5.76 -10.01 1.72
CA HIS A 78 5.48 -8.55 1.58
C HIS A 78 4.62 -8.06 2.74
N VAL A 79 4.68 -8.84 3.82
CA VAL A 79 3.94 -8.63 5.09
C VAL A 79 4.97 -8.49 6.21
N CYS A 80 4.83 -7.43 7.00
CA CYS A 80 5.56 -7.24 8.28
C CYS A 80 5.30 -8.43 9.18
N ARG A 81 6.34 -8.97 9.83
CA ARG A 81 6.13 -9.96 10.90
C ARG A 81 5.38 -9.33 12.07
N PHE A 82 4.38 -10.03 12.57
CA PHE A 82 3.68 -9.63 13.81
C PHE A 82 4.56 -10.01 14.99
N ILE A 83 4.76 -9.12 15.94
CA ILE A 83 5.60 -9.38 17.14
C ILE A 83 4.70 -9.43 18.39
N GLY A 84 3.79 -8.48 18.58
CA GLY A 84 2.84 -8.57 19.70
C GLY A 84 1.84 -7.45 19.68
N CYS A 85 0.93 -7.43 20.63
CA CYS A 85 -0.11 -6.40 20.72
C CYS A 85 -0.62 -6.40 22.14
N GLY A 86 -1.28 -5.33 22.49
CA GLY A 86 -1.86 -5.20 23.83
C GLY A 86 -2.65 -3.92 23.97
N ARG A 87 -3.27 -3.78 25.10
CA ARG A 87 -4.28 -2.72 25.36
C ARG A 87 -4.30 -2.48 26.86
N ASN A 88 -4.28 -1.23 27.27
CA ASN A 88 -4.31 -0.78 28.68
C ASN A 88 -5.13 0.50 28.70
N GLU A 89 -5.09 1.27 29.78
CA GLU A 89 -6.09 2.34 30.03
C GLU A 89 -5.71 3.61 29.21
N LYS A 90 -4.46 3.74 28.74
CA LYS A 90 -4.04 4.97 28.01
C LYS A 90 -3.94 4.74 26.49
N PHE A 91 -3.54 3.56 26.04
CA PHE A 91 -3.30 3.30 24.59
C PHE A 91 -3.43 1.81 24.26
N ASN A 92 -3.76 1.53 23.00
CA ASN A 92 -3.65 0.22 22.35
C ASN A 92 -2.37 0.23 21.51
N TYR A 93 -1.76 -0.92 21.30
CA TYR A 93 -0.47 -0.95 20.57
C TYR A 93 -0.34 -2.23 19.79
N VAL A 94 0.51 -2.15 18.76
CA VAL A 94 0.93 -3.34 17.96
C VAL A 94 2.42 -3.16 17.80
N VAL A 95 3.12 -4.26 17.92
CA VAL A 95 4.56 -4.33 17.63
C VAL A 95 4.72 -5.14 16.38
N MET A 96 5.49 -4.64 15.43
CA MET A 96 5.71 -5.29 14.14
C MET A 96 7.14 -5.05 13.66
N GLN A 97 7.52 -5.81 12.66
CA GLN A 97 8.82 -5.73 12.00
C GLN A 97 9.01 -4.31 11.45
N LEU A 98 10.17 -3.74 11.72
CA LEU A 98 10.56 -2.39 11.23
C LEU A 98 10.96 -2.52 9.77
N GLN A 99 10.43 -1.67 8.92
CA GLN A 99 10.84 -1.61 7.50
C GLN A 99 11.59 -0.31 7.22
N GLY A 100 12.02 -0.12 5.97
CA GLY A 100 12.92 1.00 5.66
C GLY A 100 12.28 2.02 4.74
N ARG A 101 12.95 2.30 3.63
CA ARG A 101 12.64 3.48 2.79
C ARG A 101 11.33 3.23 2.04
N ASN A 102 10.43 4.23 1.98
CA ASN A 102 9.16 4.04 1.23
C ASN A 102 9.38 4.41 -0.25
N LEU A 103 8.49 3.97 -1.09
CA LEU A 103 8.70 4.12 -2.56
C LEU A 103 8.51 5.57 -2.97
N ALA A 104 7.69 6.35 -2.28
CA ALA A 104 7.51 7.80 -2.64
C ALA A 104 8.83 8.54 -2.39
N ASP A 105 9.50 8.29 -1.26
CA ASP A 105 10.78 8.95 -0.96
C ASP A 105 11.85 8.45 -1.96
N LEU A 106 11.88 7.16 -2.24
CA LEU A 106 12.86 6.60 -3.19
C LEU A 106 12.67 7.19 -4.59
N ARG A 107 11.43 7.38 -5.04
CA ARG A 107 11.14 7.96 -6.38
C ARG A 107 11.59 9.41 -6.39
N ARG A 108 11.30 10.18 -5.33
CA ARG A 108 11.68 11.61 -5.28
C ARG A 108 13.22 11.74 -5.27
N SER A 109 13.93 10.73 -4.79
CA SER A 109 15.41 10.75 -4.67
C SER A 109 16.06 10.48 -6.02
N GLN A 110 15.31 9.98 -6.99
CA GLN A 110 15.80 9.74 -8.35
C GLN A 110 15.91 11.07 -9.09
N PRO A 111 16.92 11.19 -9.94
CA PRO A 111 17.23 12.44 -10.60
C PRO A 111 16.04 13.16 -11.23
N ARG A 112 15.22 12.45 -11.97
CA ARG A 112 14.07 13.07 -12.69
C ARG A 112 12.76 12.60 -12.06
N GLY A 113 12.81 12.10 -10.84
CA GLY A 113 11.61 11.59 -10.15
C GLY A 113 11.06 10.36 -10.86
N THR A 114 11.86 9.63 -11.62
CA THR A 114 11.38 8.45 -12.38
C THR A 114 12.20 7.23 -11.96
N PHE A 115 11.58 6.06 -11.96
CA PHE A 115 12.27 4.78 -11.90
C PHE A 115 12.45 4.27 -13.32
N THR A 116 13.46 3.43 -13.50
CA THR A 116 13.64 2.66 -14.76
C THR A 116 12.44 1.75 -14.95
N LEU A 117 12.25 1.23 -16.14
CA LEU A 117 11.19 0.23 -16.34
C LEU A 117 11.51 -1.04 -15.55
N SER A 118 12.80 -1.41 -15.44
CA SER A 118 13.21 -2.62 -14.67
C SER A 118 12.73 -2.51 -13.22
N THR A 119 13.01 -1.39 -12.57
CA THR A 119 12.60 -1.17 -11.16
C THR A 119 11.07 -1.11 -11.10
N THR A 120 10.46 -0.38 -12.02
CA THR A 120 8.98 -0.16 -12.01
C THR A 120 8.29 -1.54 -12.10
N LEU A 121 8.62 -2.36 -13.09
CA LEU A 121 7.95 -3.67 -13.33
C LEU A 121 8.18 -4.63 -12.14
N ARG A 122 9.39 -4.70 -11.59
CA ARG A 122 9.66 -5.62 -10.49
C ARG A 122 8.92 -5.18 -9.22
N LEU A 123 8.81 -3.86 -8.95
CA LEU A 123 8.02 -3.34 -7.84
C LEU A 123 6.55 -3.71 -8.07
N GLY A 124 6.09 -3.51 -9.31
CA GLY A 124 4.70 -3.83 -9.67
C GLY A 124 4.33 -5.26 -9.35
N LYS A 125 5.21 -6.23 -9.63
CA LYS A 125 4.96 -7.66 -9.30
C LYS A 125 4.78 -7.82 -7.79
N GLN A 126 5.64 -7.18 -6.99
CA GLN A 126 5.57 -7.32 -5.50
C GLN A 126 4.32 -6.65 -4.97
N ILE A 127 3.97 -5.47 -5.46
CA ILE A 127 2.79 -4.72 -4.98
C ILE A 127 1.55 -5.52 -5.36
N LEU A 128 1.50 -6.02 -6.58
CA LEU A 128 0.35 -6.85 -7.04
C LEU A 128 0.19 -8.01 -6.07
N GLU A 129 1.29 -8.71 -5.72
CA GLU A 129 1.24 -9.90 -4.82
CA GLU A 129 1.24 -9.90 -4.82
C GLU A 129 0.63 -9.47 -3.46
N SER A 130 1.03 -8.32 -2.96
CA SER A 130 0.57 -7.86 -1.64
CA SER A 130 0.56 -7.80 -1.66
C SER A 130 -0.92 -7.49 -1.74
N ILE A 131 -1.33 -6.93 -2.86
CA ILE A 131 -2.76 -6.57 -3.00
C ILE A 131 -3.59 -7.86 -3.05
N GLU A 132 -3.22 -8.86 -3.88
CA GLU A 132 -3.96 -10.15 -3.93
C GLU A 132 -4.02 -10.75 -2.54
N ALA A 133 -2.92 -10.70 -1.80
CA ALA A 133 -2.81 -11.29 -0.45
C ALA A 133 -3.90 -10.68 0.47
N ILE A 134 -3.96 -9.36 0.58
CA ILE A 134 -4.93 -8.72 1.51
C ILE A 134 -6.34 -9.03 1.02
N HIS A 135 -6.56 -9.06 -0.28
CA HIS A 135 -7.89 -9.39 -0.86
C HIS A 135 -8.22 -10.83 -0.48
N SER A 136 -7.22 -11.70 -0.47
CA SER A 136 -7.44 -13.15 -0.23
C SER A 136 -7.92 -13.35 1.21
N VAL A 137 -7.66 -12.42 2.14
CA VAL A 137 -8.15 -12.63 3.53
C VAL A 137 -9.40 -11.78 3.75
N GLY A 138 -9.96 -11.19 2.68
CA GLY A 138 -11.31 -10.59 2.74
C GLY A 138 -11.31 -9.10 3.01
N PHE A 139 -10.19 -8.44 2.80
CA PHE A 139 -10.05 -7.00 3.06
C PHE A 139 -9.59 -6.27 1.81
N LEU A 140 -10.10 -5.04 1.69
CA LEU A 140 -9.59 -4.02 0.76
C LEU A 140 -8.61 -3.11 1.51
N HIS A 141 -7.52 -2.71 0.88
CA HIS A 141 -6.60 -1.71 1.47
C HIS A 141 -7.24 -0.33 1.43
N ARG A 142 -7.67 0.06 0.24
CA ARG A 142 -8.38 1.31 -0.07
C ARG A 142 -7.49 2.53 0.01
N ASP A 143 -6.18 2.42 0.29
CA ASP A 143 -5.29 3.60 0.15
C ASP A 143 -3.93 3.16 -0.36
N ILE A 144 -3.94 2.41 -1.45
CA ILE A 144 -2.70 1.95 -2.15
C ILE A 144 -2.03 3.19 -2.74
N LYS A 145 -0.78 3.44 -2.35
CA LYS A 145 0.00 4.61 -2.78
C LYS A 145 1.46 4.33 -2.47
N PRO A 146 2.39 4.99 -3.16
CA PRO A 146 3.80 4.66 -3.04
C PRO A 146 4.29 4.74 -1.56
N SER A 147 3.86 5.74 -0.79
CA SER A 147 4.37 5.92 0.61
C SER A 147 3.95 4.76 1.52
N ASN A 148 2.93 3.97 1.14
CA ASN A 148 2.46 2.78 1.91
C ASN A 148 3.20 1.50 1.50
N PHE A 149 4.30 1.61 0.79
CA PHE A 149 5.16 0.44 0.45
C PHE A 149 6.58 0.79 0.84
N ALA A 150 7.23 -0.04 1.62
CA ALA A 150 8.56 0.22 2.14
C ALA A 150 9.45 -0.98 1.83
N MET A 151 10.63 -0.70 1.34
CA MET A 151 11.67 -1.69 1.09
C MET A 151 12.17 -2.22 2.45
N GLY A 152 12.71 -3.41 2.45
CA GLY A 152 13.27 -4.00 3.67
C GLY A 152 14.57 -3.33 4.10
N ARG A 153 15.08 -3.72 5.26
CA ARG A 153 16.31 -3.10 5.82
C ARG A 153 17.30 -4.16 6.37
N LEU A 154 17.23 -5.40 5.84
CA LEU A 154 18.14 -6.52 6.18
C LEU A 154 18.74 -7.13 4.91
N PRO A 155 19.87 -7.84 5.05
CA PRO A 155 20.43 -8.67 3.96
C PRO A 155 19.38 -9.62 3.35
N SER A 156 18.44 -10.11 4.16
CA SER A 156 17.41 -11.11 3.76
C SER A 156 16.19 -10.41 3.16
N THR A 157 16.09 -9.06 3.17
CA THR A 157 14.84 -8.35 2.81
C THR A 157 15.06 -7.10 1.97
N TYR A 158 16.29 -6.70 1.70
CA TYR A 158 16.54 -5.34 1.16
C TYR A 158 16.06 -5.22 -0.30
N ARG A 159 15.66 -6.31 -0.95
CA ARG A 159 15.05 -6.22 -2.32
C ARG A 159 13.58 -6.66 -2.25
N LYS A 160 13.02 -6.69 -1.05
CA LYS A 160 11.59 -7.01 -0.80
C LYS A 160 10.86 -5.72 -0.42
N CYS A 161 9.68 -5.61 -0.98
CA CYS A 161 8.77 -4.50 -0.82
C CYS A 161 7.62 -4.90 0.11
N TYR A 162 7.31 -4.09 1.15
CA TYR A 162 6.26 -4.42 2.15
C TYR A 162 5.10 -3.43 2.15
N MET A 163 3.89 -3.98 2.24
CA MET A 163 2.62 -3.25 2.34
CA MET A 163 2.64 -3.21 2.34
C MET A 163 2.45 -2.73 3.79
N LEU A 164 2.21 -1.44 3.96
CA LEU A 164 1.98 -0.78 5.27
C LEU A 164 0.58 -0.18 5.33
N ASP A 165 0.17 0.12 6.56
CA ASP A 165 -0.99 0.98 6.92
C ASP A 165 -2.31 0.39 6.41
N PHE A 166 -2.88 -0.49 7.21
CA PHE A 166 -4.27 -0.98 7.04
C PHE A 166 -5.28 -0.06 7.72
N GLY A 167 -4.91 1.18 8.08
CA GLY A 167 -5.80 2.10 8.83
C GLY A 167 -7.09 2.45 8.07
N LEU A 168 -7.09 2.40 6.74
CA LEU A 168 -8.30 2.68 5.93
C LEU A 168 -8.91 1.40 5.35
N ALA A 169 -8.44 0.21 5.74
CA ALA A 169 -8.95 -1.05 5.17
C ALA A 169 -10.43 -1.31 5.56
N ARG A 170 -11.10 -2.14 4.78
CA ARG A 170 -12.49 -2.55 5.03
C ARG A 170 -12.67 -3.99 4.61
N GLN A 171 -13.29 -4.77 5.46
CA GLN A 171 -13.71 -6.14 5.12
C GLN A 171 -14.80 -6.08 4.03
N TYR A 172 -14.63 -6.77 2.91
CA TYR A 172 -15.63 -6.77 1.80
C TYR A 172 -16.46 -8.05 1.81
N THR A 173 -16.14 -8.99 2.71
CA THR A 173 -16.95 -10.21 2.92
C THR A 173 -17.73 -10.10 4.23
N ASN A 174 -18.80 -10.88 4.34
CA ASN A 174 -19.55 -11.08 5.61
C ASN A 174 -18.81 -12.15 6.40
N THR A 175 -19.44 -12.64 7.46
CA THR A 175 -18.86 -13.59 8.45
C THR A 175 -18.64 -14.96 7.81
N THR A 176 -19.39 -15.28 6.73
CA THR A 176 -19.46 -16.64 6.12
C THR A 176 -18.78 -16.65 4.74
N GLY A 177 -18.01 -15.62 4.37
CA GLY A 177 -17.12 -15.60 3.19
C GLY A 177 -17.77 -15.01 1.94
N ASP A 178 -19.04 -14.59 2.03
CA ASP A 178 -19.80 -13.99 0.88
C ASP A 178 -19.38 -12.52 0.67
N VAL A 179 -19.47 -12.02 -0.55
CA VAL A 179 -19.31 -10.57 -0.81
C VAL A 179 -20.46 -9.80 -0.14
N ARG A 180 -20.13 -8.73 0.58
CA ARG A 180 -21.15 -7.98 1.32
C ARG A 180 -21.79 -6.95 0.38
N PRO A 181 -23.06 -6.59 0.63
CA PRO A 181 -23.72 -5.56 -0.16
C PRO A 181 -22.98 -4.24 -0.11
N PRO A 182 -22.77 -3.56 -1.26
CA PRO A 182 -22.13 -2.25 -1.24
C PRO A 182 -23.13 -1.23 -0.74
N ARG A 183 -22.68 -0.28 0.02
CA ARG A 183 -23.52 0.91 0.40
C ARG A 183 -23.78 1.74 -0.85
N ASN A 184 -24.97 2.35 -1.00
CA ASN A 184 -25.31 3.15 -2.21
C ASN A 184 -24.39 4.38 -2.29
N VAL A 185 -23.95 4.88 -1.15
CA VAL A 185 -22.91 5.96 -1.09
C VAL A 185 -21.89 5.55 -0.02
N ALA A 186 -20.61 5.69 -0.30
CA ALA A 186 -19.50 5.47 0.66
C ALA A 186 -18.52 6.62 0.50
N GLY A 187 -18.36 7.40 1.54
CA GLY A 187 -17.46 8.55 1.51
C GLY A 187 -16.03 8.12 1.36
N PHE A 188 -15.40 8.48 0.27
CA PHE A 188 -14.00 8.17 0.04
C PHE A 188 -13.10 9.09 0.91
N ARG A 189 -12.29 8.51 1.78
CA ARG A 189 -11.52 9.29 2.79
CA ARG A 189 -11.51 9.35 2.74
C ARG A 189 -10.02 9.05 2.58
N GLY A 190 -9.63 8.46 1.44
CA GLY A 190 -8.24 8.12 1.14
C GLY A 190 -7.50 9.24 0.38
N THR A 191 -6.33 8.93 -0.16
CA THR A 191 -5.42 9.91 -0.81
C THR A 191 -5.95 10.23 -2.22
N VAL A 192 -5.86 11.47 -2.67
CA VAL A 192 -6.53 11.89 -3.95
C VAL A 192 -5.79 11.29 -5.17
N ARG A 193 -4.46 11.37 -5.20
CA ARG A 193 -3.70 11.27 -6.51
C ARG A 193 -3.99 9.91 -7.16
N TYR A 194 -4.08 8.82 -6.37
CA TYR A 194 -4.13 7.43 -6.89
C TYR A 194 -5.53 6.85 -6.75
N ALA A 195 -6.53 7.65 -6.38
CA ALA A 195 -7.92 7.18 -6.22
C ALA A 195 -8.55 6.88 -7.60
N SER A 196 -9.27 5.79 -7.67
CA SER A 196 -10.06 5.42 -8.86
C SER A 196 -11.21 6.42 -9.06
N VAL A 197 -11.76 6.44 -10.28
CA VAL A 197 -12.94 7.26 -10.60
C VAL A 197 -14.11 6.79 -9.74
N ASN A 198 -14.18 5.50 -9.40
CA ASN A 198 -15.26 4.95 -8.54
C ASN A 198 -15.18 5.58 -7.13
N ALA A 199 -13.97 5.69 -6.58
CA ALA A 199 -13.72 6.28 -5.24
C ALA A 199 -14.11 7.76 -5.31
N HIS A 200 -13.73 8.45 -6.38
CA HIS A 200 -14.07 9.88 -6.57
C HIS A 200 -15.59 10.09 -6.55
N LYS A 201 -16.34 9.09 -7.02
CA LYS A 201 -17.82 9.18 -7.10
C LYS A 201 -18.47 8.77 -5.77
N ASN A 202 -17.69 8.50 -4.73
CA ASN A 202 -18.19 8.09 -3.42
C ASN A 202 -19.04 6.83 -3.59
N ARG A 203 -18.56 5.91 -4.42
CA ARG A 203 -19.12 4.56 -4.60
C ARG A 203 -18.40 3.64 -3.63
N GLU A 204 -19.08 2.57 -3.23
CA GLU A 204 -18.41 1.53 -2.42
C GLU A 204 -17.18 1.03 -3.20
N MET A 205 -16.05 0.94 -2.54
CA MET A 205 -14.80 0.53 -3.20
C MET A 205 -14.78 -0.98 -3.31
N GLY A 206 -14.14 -1.48 -4.36
CA GLY A 206 -13.96 -2.93 -4.54
C GLY A 206 -12.48 -3.27 -4.75
N ARG A 207 -12.20 -4.54 -5.01
CA ARG A 207 -10.82 -5.05 -5.24
C ARG A 207 -10.21 -4.33 -6.45
N HIS A 208 -11.06 -4.00 -7.42
CA HIS A 208 -10.64 -3.34 -8.67
C HIS A 208 -10.06 -1.97 -8.31
N ASP A 209 -10.61 -1.28 -7.32
CA ASP A 209 -10.15 0.11 -7.00
C ASP A 209 -8.73 0.06 -6.47
N ASP A 210 -8.36 -0.98 -5.74
CA ASP A 210 -6.96 -1.13 -5.27
C ASP A 210 -6.04 -1.30 -6.50
N LEU A 211 -6.49 -2.00 -7.53
CA LEU A 211 -5.70 -2.23 -8.78
C LEU A 211 -5.67 -0.98 -9.63
N TRP A 212 -6.72 -0.16 -9.63
CA TRP A 212 -6.63 1.21 -10.20
C TRP A 212 -5.48 2.01 -9.56
N SER A 213 -5.38 2.00 -8.22
CA SER A 213 -4.31 2.72 -7.51
C SER A 213 -2.96 2.20 -7.97
N LEU A 214 -2.81 0.88 -8.10
CA LEU A 214 -1.55 0.27 -8.58
C LEU A 214 -1.25 0.78 -9.99
N PHE A 215 -2.25 0.80 -10.88
CA PHE A 215 -2.08 1.23 -12.27
C PHE A 215 -1.52 2.65 -12.26
N TYR A 216 -2.18 3.57 -11.55
CA TYR A 216 -1.72 4.96 -11.50
C TYR A 216 -0.31 5.05 -10.91
N MET A 217 -0.02 4.25 -9.89
CA MET A 217 1.33 4.27 -9.28
C MET A 217 2.41 3.93 -10.32
N LEU A 218 2.18 2.89 -11.13
CA LEU A 218 3.24 2.37 -12.03
C LEU A 218 3.45 3.38 -13.17
N VAL A 219 2.40 4.08 -13.60
CA VAL A 219 2.56 5.13 -14.61
C VAL A 219 3.41 6.26 -14.01
N GLU A 220 3.12 6.67 -12.80
CA GLU A 220 3.87 7.76 -12.16
C GLU A 220 5.34 7.32 -12.00
N PHE A 221 5.57 6.07 -11.63
CA PHE A 221 6.95 5.53 -11.45
C PHE A 221 7.73 5.62 -12.76
N ALA A 222 7.12 5.22 -13.87
CA ALA A 222 7.83 5.07 -15.17
C ALA A 222 7.97 6.42 -15.85
N VAL A 223 6.98 7.29 -15.68
CA VAL A 223 6.84 8.54 -16.46
C VAL A 223 7.29 9.72 -15.63
N GLY A 224 7.23 9.60 -14.31
CA GLY A 224 7.67 10.64 -13.37
C GLY A 224 6.56 11.54 -12.88
N GLN A 225 5.34 11.37 -13.42
CA GLN A 225 4.23 12.30 -13.09
C GLN A 225 2.91 11.69 -13.53
N LEU A 226 1.83 12.17 -12.93
CA LEU A 226 0.45 11.98 -13.47
C LEU A 226 -0.10 13.33 -13.90
N PRO A 227 -1.07 13.35 -14.83
CA PRO A 227 -1.51 14.63 -15.42
C PRO A 227 -2.12 15.60 -14.40
N TRP A 228 -2.67 15.08 -13.29
CA TRP A 228 -3.40 15.85 -12.26
C TRP A 228 -2.52 16.17 -11.06
N ARG A 229 -1.20 15.98 -11.12
CA ARG A 229 -0.37 15.96 -9.88
C ARG A 229 -0.37 17.35 -9.21
N LYS A 230 -0.58 18.42 -9.97
CA LYS A 230 -0.55 19.82 -9.45
C LYS A 230 -1.89 20.21 -8.81
N ILE A 231 -2.88 19.33 -8.81
CA ILE A 231 -4.26 19.67 -8.36
C ILE A 231 -4.53 18.86 -7.09
N LYS A 232 -4.68 19.52 -5.94
CA LYS A 232 -4.86 18.82 -4.65
C LYS A 232 -6.35 18.58 -4.37
N ASP A 233 -7.25 19.39 -4.93
CA ASP A 233 -8.71 19.33 -4.61
C ASP A 233 -9.27 18.00 -5.15
N LYS A 234 -9.91 17.22 -4.27
CA LYS A 234 -10.53 15.91 -4.59
C LYS A 234 -11.54 16.03 -5.74
N GLU A 235 -12.50 16.94 -5.69
CA GLU A 235 -13.57 16.98 -6.72
C GLU A 235 -12.97 17.31 -8.11
N GLN A 236 -12.07 18.28 -8.17
CA GLN A 236 -11.39 18.68 -9.43
C GLN A 236 -10.65 17.49 -10.02
N VAL A 237 -9.85 16.79 -9.22
CA VAL A 237 -9.03 15.63 -9.69
C VAL A 237 -9.97 14.57 -10.27
N GLY A 238 -11.06 14.26 -9.56
CA GLY A 238 -12.03 13.27 -10.07
C GLY A 238 -12.59 13.70 -11.44
N MET A 239 -12.86 15.00 -11.64
CA MET A 239 -13.44 15.51 -12.94
C MET A 239 -12.37 15.40 -14.02
N ILE A 240 -11.10 15.59 -13.66
CA ILE A 240 -9.96 15.45 -14.62
C ILE A 240 -9.82 13.97 -15.00
N LYS A 241 -9.85 13.06 -14.04
CA LYS A 241 -9.69 11.61 -14.33
C LYS A 241 -10.87 11.10 -15.18
N GLU A 242 -12.08 11.57 -14.92
CA GLU A 242 -13.30 10.95 -15.47
C GLU A 242 -13.29 11.07 -16.99
N LYS A 243 -12.78 12.17 -17.50
CA LYS A 243 -12.66 12.49 -18.93
C LYS A 243 -11.35 11.96 -19.56
N TYR A 244 -10.26 11.94 -18.76
CA TYR A 244 -8.88 11.69 -19.26
C TYR A 244 -8.87 10.40 -20.06
N GLU A 245 -8.30 10.46 -21.26
CA GLU A 245 -8.18 9.28 -22.13
C GLU A 245 -7.05 8.43 -21.58
N HIS A 246 -7.39 7.39 -20.86
CA HIS A 246 -6.41 6.64 -20.02
C HIS A 246 -5.37 5.93 -20.91
N ARG A 247 -5.71 5.57 -22.15
CA ARG A 247 -4.72 4.96 -23.07
C ARG A 247 -3.56 5.94 -23.28
N MET A 248 -3.78 7.25 -23.13
CA MET A 248 -2.74 8.32 -23.28
CA MET A 248 -2.68 8.23 -23.35
C MET A 248 -1.68 8.13 -22.20
N LEU A 249 -2.08 7.64 -21.04
CA LEU A 249 -1.17 7.42 -19.89
C LEU A 249 -0.10 6.41 -20.31
N LEU A 250 -0.37 5.61 -21.35
CA LEU A 250 0.46 4.44 -21.70
C LEU A 250 1.34 4.72 -22.93
N LYS A 251 1.30 5.94 -23.47
CA LYS A 251 2.08 6.36 -24.68
C LYS A 251 3.54 5.93 -24.55
N HIS A 252 4.13 6.11 -23.38
CA HIS A 252 5.54 5.79 -23.05
C HIS A 252 5.64 4.56 -22.13
N MET A 253 4.61 3.72 -22.03
CA MET A 253 4.61 2.48 -21.20
C MET A 253 4.63 1.27 -22.13
N PRO A 254 5.01 0.07 -21.66
CA PRO A 254 4.92 -1.13 -22.48
C PRO A 254 3.47 -1.33 -22.95
N SER A 255 3.32 -1.69 -24.21
CA SER A 255 2.03 -1.96 -24.86
C SER A 255 1.20 -3.01 -24.11
N GLU A 256 1.82 -3.95 -23.40
CA GLU A 256 1.08 -4.95 -22.56
C GLU A 256 0.21 -4.23 -21.53
N PHE A 257 0.55 -3.00 -21.13
CA PHE A 257 -0.23 -2.27 -20.13
C PHE A 257 -1.66 -2.01 -20.60
N HIS A 258 -1.93 -2.04 -21.91
CA HIS A 258 -3.32 -1.90 -22.40
C HIS A 258 -4.18 -3.08 -21.87
N LEU A 259 -3.60 -4.27 -21.77
CA LEU A 259 -4.34 -5.45 -21.24
C LEU A 259 -4.74 -5.23 -19.77
N PHE A 260 -3.86 -4.64 -18.99
CA PHE A 260 -4.07 -4.25 -17.57
C PHE A 260 -5.20 -3.20 -17.52
N LEU A 261 -5.07 -2.12 -18.28
CA LEU A 261 -6.07 -1.03 -18.30
C LEU A 261 -7.47 -1.59 -18.66
N ASP A 262 -7.54 -2.33 -19.75
CA ASP A 262 -8.82 -2.85 -20.28
C ASP A 262 -9.45 -3.79 -19.25
N HIS A 263 -8.64 -4.61 -18.59
CA HIS A 263 -9.12 -5.59 -17.61
C HIS A 263 -9.72 -4.84 -16.42
N ILE A 264 -9.02 -3.86 -15.86
CA ILE A 264 -9.53 -3.21 -14.63
C ILE A 264 -10.71 -2.32 -15.00
N ALA A 265 -10.74 -1.79 -16.21
CA ALA A 265 -11.89 -0.96 -16.66
C ALA A 265 -13.13 -1.86 -16.82
N SER A 266 -12.97 -3.17 -16.95
CA SER A 266 -14.09 -4.13 -17.19
C SER A 266 -14.71 -4.54 -15.85
N LEU A 267 -14.03 -4.28 -14.76
CA LEU A 267 -14.39 -4.82 -13.42
C LEU A 267 -15.49 -3.93 -12.80
N ASP A 268 -16.20 -4.47 -11.82
CA ASP A 268 -17.15 -3.72 -10.99
C ASP A 268 -16.94 -4.21 -9.55
N TYR A 269 -17.67 -3.65 -8.60
CA TYR A 269 -17.52 -4.00 -7.16
C TYR A 269 -17.57 -5.53 -6.95
N PHE A 270 -18.40 -6.24 -7.70
CA PHE A 270 -18.74 -7.65 -7.40
C PHE A 270 -17.73 -8.62 -8.02
N THR A 271 -16.95 -8.19 -9.00
CA THR A 271 -16.16 -9.12 -9.86
C THR A 271 -14.77 -9.35 -9.27
N LYS A 272 -14.41 -10.60 -9.06
CA LYS A 272 -13.03 -10.94 -8.65
C LYS A 272 -12.10 -10.55 -9.80
N PRO A 273 -11.07 -9.72 -9.57
CA PRO A 273 -10.05 -9.46 -10.59
C PRO A 273 -9.26 -10.69 -11.05
N ASP A 274 -8.75 -10.60 -12.28
CA ASP A 274 -7.79 -11.57 -12.85
C ASP A 274 -6.38 -11.10 -12.47
N TYR A 275 -5.92 -11.43 -11.26
CA TYR A 275 -4.56 -11.04 -10.78
C TYR A 275 -3.51 -11.65 -11.72
N GLN A 276 -3.73 -12.88 -12.15
CA GLN A 276 -2.77 -13.58 -13.03
C GLN A 276 -2.57 -12.79 -14.33
N LEU A 277 -3.65 -12.31 -14.95
CA LEU A 277 -3.57 -11.49 -16.20
C LEU A 277 -2.68 -10.27 -15.94
N ILE A 278 -2.85 -9.62 -14.81
CA ILE A 278 -2.04 -8.42 -14.49
C ILE A 278 -0.58 -8.87 -14.25
N MET A 279 -0.36 -9.94 -13.49
CA MET A 279 1.02 -10.46 -13.24
C MET A 279 1.71 -10.72 -14.59
N SER A 280 1.02 -11.38 -15.52
CA SER A 280 1.59 -11.73 -16.86
CA SER A 280 1.60 -11.74 -16.85
C SER A 280 1.91 -10.47 -17.66
N VAL A 281 1.11 -9.41 -17.54
CA VAL A 281 1.47 -8.11 -18.15
C VAL A 281 2.88 -7.70 -17.68
N PHE A 282 3.14 -7.73 -16.36
CA PHE A 282 4.46 -7.36 -15.81
C PHE A 282 5.54 -8.37 -16.31
N GLU A 283 5.28 -9.68 -16.24
CA GLU A 283 6.29 -10.74 -16.59
C GLU A 283 6.61 -10.65 -18.09
N ASN A 284 5.59 -10.50 -18.94
CA ASN A 284 5.78 -10.38 -20.40
C ASN A 284 6.53 -9.08 -20.74
N SER A 285 6.22 -7.98 -20.06
CA SER A 285 6.89 -6.69 -20.26
C SER A 285 8.39 -6.84 -19.93
N MET A 286 8.71 -7.62 -18.89
CA MET A 286 10.11 -7.85 -18.48
C MET A 286 10.79 -8.76 -19.51
N LYS A 287 10.15 -9.85 -19.90
CA LYS A 287 10.75 -10.86 -20.82
C LYS A 287 11.03 -10.21 -22.19
N GLU A 288 10.09 -9.42 -22.72
CA GLU A 288 10.25 -8.68 -24.01
C GLU A 288 11.50 -7.79 -23.97
N ARG A 289 11.89 -7.30 -22.79
CA ARG A 289 12.97 -6.28 -22.62
C ARG A 289 14.22 -6.91 -21.96
N GLY A 290 14.22 -8.23 -21.76
CA GLY A 290 15.36 -9.00 -21.20
C GLY A 290 15.64 -8.60 -19.76
N ILE A 291 14.65 -8.04 -19.08
CA ILE A 291 14.81 -7.60 -17.65
C ILE A 291 14.77 -8.85 -16.78
N ALA A 292 15.81 -9.02 -15.97
CA ALA A 292 16.01 -10.18 -15.08
C ALA A 292 15.45 -9.81 -13.72
N GLU A 293 15.00 -10.79 -12.96
CA GLU A 293 14.59 -10.59 -11.54
C GLU A 293 15.80 -10.17 -10.72
N ASN A 294 16.98 -10.67 -11.04
CA ASN A 294 18.18 -10.49 -10.17
C ASN A 294 18.80 -9.10 -10.39
N GLU A 295 18.14 -8.17 -11.11
CA GLU A 295 18.74 -6.87 -11.48
C GLU A 295 18.79 -5.97 -10.23
N ALA A 296 19.72 -5.03 -10.17
CA ALA A 296 19.80 -3.97 -9.13
C ALA A 296 18.54 -3.12 -9.24
N PHE A 297 17.93 -2.71 -8.12
CA PHE A 297 17.00 -1.55 -8.07
C PHE A 297 17.79 -0.26 -8.30
N ASP A 298 17.11 0.77 -8.79
CA ASP A 298 17.69 2.07 -9.18
C ASP A 298 18.51 2.67 -8.04
N TRP A 299 18.05 2.53 -6.79
CA TRP A 299 18.65 3.23 -5.62
C TRP A 299 19.91 2.50 -5.15
N GLU A 300 20.20 1.28 -5.63
CA GLU A 300 21.42 0.52 -5.22
C GLU A 300 22.63 1.04 -6.02
N LYS A 301 23.77 1.17 -5.38
CA LYS A 301 25.11 1.35 -6.01
C LYS A 301 25.21 0.67 -7.38
N ALA A 302 24.75 -0.58 -7.51
CA ALA A 302 24.80 -1.40 -8.75
C ALA A 302 23.67 -0.96 -9.69
#